data_4NT6
#
_entry.id   4NT6
#
_cell.length_a   94.401
_cell.length_b   75.687
_cell.length_c   61.880
_cell.angle_alpha   90.00
_cell.angle_beta   120.29
_cell.angle_gamma   90.00
#
_symmetry.space_group_name_H-M   'C 1 2 1'
#
loop_
_entity.id
_entity.type
_entity.pdbx_description
1 polymer 'HLA class I histocompatibility antigen, Cw-8 alpha chain'
2 polymer Beta-2-microglobulin
3 polymer 'Matrix protein 1'
4 water water
#
loop_
_entity_poly.entity_id
_entity_poly.type
_entity_poly.pdbx_seq_one_letter_code
_entity_poly.pdbx_strand_id
1 'polypeptide(L)'
;MSHSMRYFYTAVSRPGRGEPRFIAVGYVDDTQFVQFDSDAASPRGEPRAPWVEQEGPEYWDRETQKYKRQAQTDRVSLRN
LRGYYNQSEAGSHTLQRMYGCDLGPDGRLLRGYNQFAYDGKDYIALNEDLRSWTAADTAAQITQRKWEAARTAEQLRAYL
EGTCVEWLRRYLENGKKTLQRAEHPKTHVTHHPVSDHEATLRCWALGFYPAEITLTWQRDGEDQTQDTELVETRPAGDGT
FQKWAAVVVPSGEEQRYTCHVQHEGLPEPLTLRW
;
A
2 'polypeptide(L)'
;MIQRTPKIQVYSRHPAENGKSNFLNCYVSGFHPSDIEVDLLKNGERIEKVEHSDLSFSKDWSFYLLYYTEFTPTEKDEYA
CRVNHVTLSQPKIVKWDRD
;
B
3 'polypeptide(L)' GILGFVFTL C
#
# COMPACT_ATOMS: atom_id res chain seq x y z
N MET A 1 -11.73 -19.81 1.40
CA MET A 1 -10.30 -19.58 1.03
C MET A 1 -9.47 -19.03 2.23
N SER A 2 -8.44 -18.23 1.95
CA SER A 2 -7.48 -17.88 3.02
C SER A 2 -7.29 -16.37 3.21
N HIS A 3 -6.73 -16.01 4.37
CA HIS A 3 -6.66 -14.62 4.81
C HIS A 3 -5.33 -14.33 5.43
N SER A 4 -5.00 -13.04 5.54
CA SER A 4 -3.74 -12.63 6.11
C SER A 4 -3.95 -11.43 7.03
N MET A 5 -3.08 -11.32 8.03
CA MET A 5 -2.97 -10.08 8.81
C MET A 5 -1.52 -9.62 8.70
N ARG A 6 -1.34 -8.36 8.35
CA ARG A 6 0.00 -7.84 8.11
C ARG A 6 0.15 -6.49 8.73
N TYR A 7 1.31 -6.29 9.37
CA TYR A 7 1.66 -5.00 9.89
C TYR A 7 2.84 -4.44 9.17
N PHE A 8 2.82 -3.13 8.97
CA PHE A 8 3.86 -2.39 8.23
C PHE A 8 4.28 -1.25 9.13
N TYR A 9 5.57 -1.20 9.45
CA TYR A 9 6.11 -0.17 10.37
C TYR A 9 7.19 0.58 9.61
N THR A 10 7.20 1.89 9.76
CA THR A 10 8.22 2.75 9.19
C THR A 10 8.75 3.71 10.29
N ALA A 11 10.06 3.70 10.51
CA ALA A 11 10.66 4.67 11.45
C ALA A 11 11.68 5.51 10.67
N VAL A 12 11.61 6.82 10.85
CA VAL A 12 12.42 7.73 10.05
C VAL A 12 13.13 8.72 10.93
N SER A 13 14.47 8.68 10.97
CA SER A 13 15.19 9.64 11.78
C SER A 13 15.27 10.98 11.07
N ARG A 14 15.52 12.02 11.85
CA ARG A 14 15.56 13.37 11.32
C ARG A 14 16.42 14.20 12.25
N PRO A 15 17.74 13.86 12.33
CA PRO A 15 18.63 14.49 13.28
C PRO A 15 18.53 16.03 13.28
N GLY A 16 18.47 16.61 14.47
CA GLY A 16 18.29 18.05 14.63
C GLY A 16 16.86 18.54 14.53
N ARG A 17 15.93 17.64 14.21
CA ARG A 17 14.50 17.99 14.03
C ARG A 17 13.64 17.06 14.89
N GLY A 18 14.12 16.82 16.10
CA GLY A 18 13.47 15.93 17.03
C GLY A 18 13.76 14.45 16.82
N GLU A 19 13.01 13.59 17.51
CA GLU A 19 13.36 12.19 17.46
C GLU A 19 12.65 11.50 16.27
N PRO A 20 13.07 10.26 15.96
CA PRO A 20 12.54 9.66 14.74
C PRO A 20 11.04 9.46 14.77
N ARG A 21 10.40 9.71 13.65
CA ARG A 21 8.96 9.42 13.53
C ARG A 21 8.72 7.95 13.36
N PHE A 22 7.62 7.44 13.92
CA PHE A 22 7.23 6.03 13.78
C PHE A 22 5.79 5.96 13.29
N ILE A 23 5.58 5.26 12.17
CA ILE A 23 4.24 5.13 11.57
C ILE A 23 3.96 3.66 11.32
N ALA A 24 2.82 3.17 11.85
CA ALA A 24 2.40 1.79 11.65
C ALA A 24 1.02 1.73 11.00
N VAL A 25 0.85 0.74 10.13
CA VAL A 25 -0.48 0.44 9.63
C VAL A 25 -0.70 -1.08 9.64
N GLY A 26 -1.94 -1.50 9.86
CA GLY A 26 -2.28 -2.94 9.88
C GLY A 26 -3.43 -3.19 8.91
N TYR A 27 -3.40 -4.39 8.30
CA TYR A 27 -4.37 -4.78 7.33
C TYR A 27 -4.80 -6.20 7.60
N VAL A 28 -6.06 -6.49 7.32
CA VAL A 28 -6.48 -7.87 7.14
C VAL A 28 -6.79 -7.97 5.66
N ASP A 29 -6.16 -8.93 4.99
CA ASP A 29 -6.17 -8.99 3.54
C ASP A 29 -5.81 -7.61 2.94
N ASP A 30 -6.65 -7.09 2.05
CA ASP A 30 -6.44 -5.77 1.52
C ASP A 30 -7.18 -4.62 2.23
N THR A 31 -7.61 -4.84 3.46
CA THR A 31 -8.41 -3.87 4.18
C THR A 31 -7.62 -3.33 5.36
N GLN A 32 -7.30 -2.04 5.33
CA GLN A 32 -6.71 -1.42 6.52
C GLN A 32 -7.63 -1.43 7.74
N PHE A 33 -7.12 -1.82 8.91
CA PHE A 33 -7.91 -1.72 10.13
C PHE A 33 -7.37 -0.80 11.24
N VAL A 34 -6.11 -0.40 11.13
CA VAL A 34 -5.48 0.39 12.19
C VAL A 34 -4.32 1.24 11.64
N GLN A 35 -4.07 2.37 12.30
CA GLN A 35 -2.85 3.13 12.08
C GLN A 35 -2.43 3.79 13.37
N PHE A 36 -1.13 4.03 13.46
CA PHE A 36 -0.54 4.75 14.59
C PHE A 36 0.54 5.62 13.99
N ASP A 37 0.56 6.87 14.39
CA ASP A 37 1.59 7.79 13.91
C ASP A 37 2.12 8.59 15.14
N SER A 38 3.41 8.48 15.38
CA SER A 38 3.98 9.14 16.55
C SER A 38 3.86 10.66 16.48
N ASP A 39 3.75 11.19 15.28
CA ASP A 39 3.61 12.62 15.07
C ASP A 39 2.14 13.04 15.05
N ALA A 40 1.19 12.11 15.19
CA ALA A 40 -0.26 12.50 15.23
C ALA A 40 -0.54 13.48 16.37
N ALA A 41 -1.58 14.32 16.22
CA ALA A 41 -1.90 15.33 17.26
C ALA A 41 -2.04 14.60 18.61
N SER A 42 -2.76 13.47 18.58
CA SER A 42 -2.78 12.57 19.76
C SER A 42 -2.32 11.19 19.29
N PRO A 43 -1.08 10.77 19.62
CA PRO A 43 -0.57 9.50 19.09
C PRO A 43 -1.21 8.28 19.79
N ARG A 44 -2.14 7.63 19.10
CA ARG A 44 -2.90 6.54 19.70
C ARG A 44 -3.18 5.57 18.58
N GLY A 45 -3.39 4.29 18.88
CA GLY A 45 -3.88 3.38 17.82
C GLY A 45 -5.25 3.90 17.33
N GLU A 46 -5.45 3.99 16.02
CA GLU A 46 -6.67 4.57 15.44
C GLU A 46 -7.42 3.49 14.66
N PRO A 47 -8.72 3.29 14.96
CA PRO A 47 -9.47 2.30 14.14
C PRO A 47 -9.64 2.79 12.71
N ARG A 48 -9.58 1.89 11.73
CA ARG A 48 -9.81 2.26 10.32
C ARG A 48 -10.88 1.38 9.67
N ALA A 49 -11.43 0.47 10.46
CA ALA A 49 -12.49 -0.47 9.99
C ALA A 49 -13.52 -0.62 11.08
N PRO A 50 -14.81 -0.78 10.71
CA PRO A 50 -15.89 -0.93 11.68
C PRO A 50 -15.67 -2.12 12.62
N TRP A 51 -15.08 -3.18 12.11
CA TRP A 51 -14.95 -4.40 12.92
C TRP A 51 -13.84 -4.40 13.96
N VAL A 52 -13.06 -3.32 14.07
CA VAL A 52 -12.20 -3.09 15.26
C VAL A 52 -12.65 -1.87 16.10
N GLU A 53 -13.48 -1.03 15.50
CA GLU A 53 -14.14 0.04 16.26
C GLU A 53 -14.99 -0.43 17.44
N GLN A 54 -15.55 -1.62 17.37
CA GLN A 54 -16.34 -2.13 18.48
C GLN A 54 -15.48 -2.80 19.56
N GLU A 55 -14.17 -2.85 19.34
CA GLU A 55 -13.29 -3.32 20.37
C GLU A 55 -13.29 -2.16 21.34
N GLY A 56 -13.33 -2.49 22.61
CA GLY A 56 -13.52 -1.50 23.66
C GLY A 56 -12.23 -0.73 23.98
N PRO A 57 -12.31 0.22 24.94
CA PRO A 57 -11.15 1.06 25.28
C PRO A 57 -9.92 0.30 25.78
N GLU A 58 -10.12 -0.82 26.50
CA GLU A 58 -8.98 -1.64 26.93
C GLU A 58 -8.14 -2.14 25.77
N TYR A 59 -8.80 -2.62 24.72
CA TYR A 59 -8.07 -3.15 23.57
C TYR A 59 -7.25 -2.02 22.94
N TRP A 60 -7.88 -0.86 22.78
CA TRP A 60 -7.22 0.28 22.17
C TRP A 60 -6.09 0.86 22.99
N ASP A 61 -6.30 0.93 24.30
CA ASP A 61 -5.22 1.41 25.19
C ASP A 61 -4.02 0.48 25.16
N ARG A 62 -4.26 -0.83 25.16
CA ARG A 62 -3.18 -1.79 25.08
C ARG A 62 -2.45 -1.70 23.72
N GLU A 63 -3.19 -1.51 22.63
CA GLU A 63 -2.54 -1.38 21.35
C GLU A 63 -1.68 -0.13 21.38
N THR A 64 -2.26 0.96 21.85
CA THR A 64 -1.54 2.24 21.93
C THR A 64 -0.26 2.12 22.73
N GLN A 65 -0.34 1.49 23.90
CA GLN A 65 0.84 1.28 24.75
C GLN A 65 1.94 0.50 23.98
N LYS A 66 1.55 -0.57 23.29
CA LYS A 66 2.51 -1.38 22.54
C LYS A 66 3.12 -0.58 21.39
N TYR A 67 2.32 0.25 20.71
CA TYR A 67 2.87 1.06 19.62
C TYR A 67 3.95 2.04 20.13
N LYS A 68 3.69 2.68 21.28
CA LYS A 68 4.64 3.63 21.83
C LYS A 68 5.94 2.92 22.19
N ARG A 69 5.79 1.74 22.77
CA ARG A 69 6.94 0.96 23.21
C ARG A 69 7.75 0.55 21.96
N GLN A 70 7.05 0.12 20.91
CA GLN A 70 7.71 -0.22 19.65
C GLN A 70 8.47 0.96 19.01
N ALA A 71 7.81 2.11 19.01
CA ALA A 71 8.39 3.32 18.42
C ALA A 71 9.74 3.65 19.12
N GLN A 72 9.73 3.68 20.45
CA GLN A 72 10.97 3.96 21.18
C GLN A 72 12.07 2.97 20.87
N THR A 73 11.68 1.73 20.76
CA THR A 73 12.59 0.68 20.47
C THR A 73 13.22 0.85 19.08
N ASP A 74 12.37 1.13 18.12
CA ASP A 74 12.85 1.38 16.74
C ASP A 74 13.81 2.57 16.71
N ARG A 75 13.61 3.56 17.59
CA ARG A 75 14.54 4.66 17.64
C ARG A 75 15.94 4.12 18.08
N VAL A 76 15.99 3.23 19.06
CA VAL A 76 17.28 2.63 19.45
C VAL A 76 17.87 1.87 18.23
N SER A 77 17.03 1.09 17.55
CA SER A 77 17.51 0.32 16.36
C SER A 77 18.15 1.26 15.32
N LEU A 78 17.53 2.43 15.08
CA LEU A 78 18.11 3.38 14.13
C LEU A 78 19.48 3.87 14.59
N ARG A 79 19.59 4.08 15.90
CA ARG A 79 20.86 4.47 16.48
C ARG A 79 21.92 3.37 16.22
N ASN A 80 21.54 2.15 16.50
CA ASN A 80 22.45 1.00 16.31
C ASN A 80 22.87 0.84 14.85
N LEU A 81 21.92 1.00 13.93
CA LEU A 81 22.22 0.84 12.49
C LEU A 81 23.18 1.92 11.99
N ARG A 82 22.97 3.16 12.46
CA ARG A 82 23.88 4.26 12.12
C ARG A 82 25.32 3.84 12.45
N GLY A 83 25.48 3.25 13.63
CA GLY A 83 26.79 2.79 14.10
C GLY A 83 27.37 1.67 13.22
N TYR A 84 26.53 0.68 12.89
CA TYR A 84 27.03 -0.47 12.12
C TYR A 84 27.63 -0.02 10.80
N TYR A 85 27.03 1.01 10.20
CA TYR A 85 27.44 1.44 8.85
C TYR A 85 28.39 2.63 8.90
N ASN A 86 28.81 2.99 10.10
CA ASN A 86 29.66 4.17 10.33
C ASN A 86 29.12 5.44 9.65
N GLN A 87 27.82 5.66 9.78
CA GLN A 87 27.19 6.78 9.12
C GLN A 87 27.22 8.01 10.02
N SER A 88 27.21 9.19 9.42
CA SER A 88 27.30 10.41 10.21
C SER A 88 26.05 10.57 11.08
N GLU A 89 26.18 11.37 12.13
CA GLU A 89 25.08 11.77 12.97
C GLU A 89 23.99 12.56 12.28
N ALA A 90 24.33 13.22 11.18
CA ALA A 90 23.46 14.23 10.62
C ALA A 90 22.45 13.75 9.62
N GLY A 91 22.67 12.57 9.04
CA GLY A 91 21.82 12.16 7.94
C GLY A 91 20.55 11.49 8.44
N SER A 92 19.54 11.55 7.59
CA SER A 92 18.27 10.92 7.89
C SER A 92 18.23 9.49 7.35
N HIS A 93 17.65 8.56 8.12
CA HIS A 93 17.60 7.15 7.72
C HIS A 93 16.26 6.52 8.01
N THR A 94 15.96 5.46 7.29
CA THR A 94 14.66 4.78 7.38
C THR A 94 14.76 3.32 7.77
N LEU A 95 13.94 2.87 8.69
CA LEU A 95 13.87 1.43 9.03
C LEU A 95 12.46 0.98 8.76
N GLN A 96 12.29 -0.07 7.94
CA GLN A 96 10.97 -0.62 7.70
C GLN A 96 10.90 -2.03 8.16
N ARG A 97 9.72 -2.44 8.54
CA ARG A 97 9.40 -3.78 8.93
C ARG A 97 8.05 -4.15 8.39
N MET A 98 7.97 -5.37 7.86
CA MET A 98 6.66 -6.00 7.63
C MET A 98 6.62 -7.38 8.28
N TYR A 99 5.52 -7.67 8.97
CA TYR A 99 5.31 -9.02 9.55
C TYR A 99 3.85 -9.40 9.55
N GLY A 100 3.57 -10.68 9.70
CA GLY A 100 2.20 -11.10 9.72
C GLY A 100 2.06 -12.59 9.52
N CYS A 101 0.81 -13.04 9.39
CA CYS A 101 0.52 -14.44 9.25
C CYS A 101 -0.64 -14.66 8.29
N ASP A 102 -0.71 -15.87 7.74
CA ASP A 102 -1.79 -16.25 6.85
C ASP A 102 -2.46 -17.49 7.44
N LEU A 103 -3.78 -17.57 7.29
CA LEU A 103 -4.51 -18.80 7.64
C LEU A 103 -5.38 -19.35 6.50
N GLY A 104 -5.70 -20.65 6.58
CA GLY A 104 -6.35 -21.33 5.48
C GLY A 104 -7.84 -21.57 5.68
N PRO A 105 -8.45 -22.31 4.74
CA PRO A 105 -9.88 -22.60 4.83
C PRO A 105 -10.36 -23.18 6.17
N ASP A 106 -9.47 -23.78 6.97
CA ASP A 106 -9.85 -24.42 8.23
C ASP A 106 -9.60 -23.55 9.47
N GLY A 107 -9.15 -22.32 9.22
CA GLY A 107 -8.82 -21.37 10.29
C GLY A 107 -7.44 -21.58 10.91
N ARG A 108 -6.67 -22.50 10.32
CA ARG A 108 -5.32 -22.83 10.84
C ARG A 108 -4.19 -22.09 10.14
N LEU A 109 -3.11 -21.87 10.87
CA LEU A 109 -1.93 -21.17 10.32
C LEU A 109 -1.44 -21.80 9.00
N LEU A 110 -1.04 -20.97 8.04
CA LEU A 110 -0.39 -21.43 6.82
C LEU A 110 1.10 -21.13 6.87
N ARG A 111 1.39 -19.88 7.19
CA ARG A 111 2.76 -19.37 7.19
C ARG A 111 2.84 -18.07 7.96
N GLY A 112 4.04 -17.72 8.41
CA GLY A 112 4.28 -16.39 9.01
C GLY A 112 5.44 -15.74 8.31
N TYR A 113 5.67 -14.45 8.55
CA TYR A 113 6.78 -13.73 7.93
C TYR A 113 7.17 -12.52 8.74
N ASN A 114 8.41 -12.06 8.58
CA ASN A 114 8.90 -10.88 9.27
C ASN A 114 10.16 -10.47 8.52
N GLN A 115 10.10 -9.31 7.85
CA GLN A 115 11.22 -8.81 7.06
C GLN A 115 11.55 -7.37 7.48
N PHE A 116 12.82 -6.98 7.35
CA PHE A 116 13.29 -5.63 7.66
C PHE A 116 14.07 -5.04 6.50
N ALA A 117 13.88 -3.75 6.28
CA ALA A 117 14.70 -3.00 5.33
C ALA A 117 15.30 -1.80 6.00
N TYR A 118 16.50 -1.41 5.56
CA TYR A 118 17.13 -0.19 6.02
C TYR A 118 17.42 0.70 4.83
N ASP A 119 16.98 1.95 4.90
CA ASP A 119 17.14 2.92 3.81
C ASP A 119 16.67 2.39 2.48
N GLY A 120 15.52 1.68 2.53
CA GLY A 120 14.87 1.18 1.32
C GLY A 120 15.39 -0.12 0.71
N LYS A 121 16.36 -0.74 1.36
CA LYS A 121 17.02 -1.97 0.91
C LYS A 121 16.80 -3.10 1.91
N ASP A 122 16.69 -4.32 1.38
CA ASP A 122 16.63 -5.52 2.24
C ASP A 122 17.77 -5.51 3.26
N TYR A 123 17.43 -5.77 4.53
CA TYR A 123 18.42 -5.78 5.61
C TYR A 123 18.55 -7.18 6.20
N ILE A 124 17.47 -7.66 6.83
CA ILE A 124 17.46 -9.02 7.42
C ILE A 124 16.04 -9.54 7.37
N ALA A 125 15.89 -10.82 7.14
CA ALA A 125 14.58 -11.42 7.04
C ALA A 125 14.57 -12.68 7.85
N LEU A 126 13.43 -12.93 8.50
CA LEU A 126 13.23 -14.23 9.14
C LEU A 126 12.94 -15.23 8.00
N ASN A 127 13.57 -16.40 8.01
CA ASN A 127 13.32 -17.34 6.89
C ASN A 127 11.96 -18.00 7.11
N GLU A 128 11.46 -18.64 6.06
CA GLU A 128 10.14 -19.29 6.05
C GLU A 128 9.93 -20.28 7.22
N ASP A 129 10.98 -20.99 7.62
CA ASP A 129 10.93 -21.86 8.79
C ASP A 129 10.65 -21.15 10.12
N LEU A 130 10.79 -19.82 10.15
CA LEU A 130 10.64 -19.01 11.39
C LEU A 130 11.67 -19.34 12.47
N ARG A 131 12.80 -19.92 12.05
CA ARG A 131 13.81 -20.31 13.03
C ARG A 131 15.19 -19.73 12.73
N SER A 132 15.35 -19.14 11.55
CA SER A 132 16.66 -18.77 11.02
C SER A 132 16.53 -17.47 10.22
N TRP A 133 17.66 -16.84 9.94
CA TRP A 133 17.75 -15.51 9.35
C TRP A 133 18.50 -15.48 8.06
N THR A 134 18.17 -14.50 7.22
CA THR A 134 18.99 -14.17 6.03
C THR A 134 19.38 -12.74 6.16
N ALA A 135 20.69 -12.51 6.28
CA ALA A 135 21.21 -11.16 6.40
C ALA A 135 21.66 -10.71 5.02
N ALA A 136 21.33 -9.48 4.60
CA ALA A 136 21.69 -9.03 3.23
C ALA A 136 23.16 -8.58 3.13
N ASP A 137 23.72 -8.11 4.23
CA ASP A 137 25.08 -7.59 4.15
C ASP A 137 25.82 -7.80 5.42
N THR A 138 27.08 -7.34 5.47
CA THR A 138 27.93 -7.44 6.64
C THR A 138 27.30 -6.86 7.91
N ALA A 139 26.70 -5.69 7.82
CA ALA A 139 26.09 -5.07 8.98
C ALA A 139 24.95 -5.95 9.49
N ALA A 140 24.08 -6.42 8.59
CA ALA A 140 22.99 -7.31 8.97
C ALA A 140 23.46 -8.60 9.61
N GLN A 141 24.66 -9.07 9.24
CA GLN A 141 25.26 -10.22 9.96
C GLN A 141 25.49 -9.94 11.46
N ILE A 142 25.76 -8.68 11.80
CA ILE A 142 25.84 -8.28 13.23
C ILE A 142 24.49 -8.52 13.92
N THR A 143 23.42 -7.97 13.33
CA THR A 143 22.06 -8.19 13.83
C THR A 143 21.77 -9.69 13.89
N GLN A 144 22.14 -10.43 12.83
CA GLN A 144 22.00 -11.91 12.91
C GLN A 144 22.70 -12.56 14.12
N ARG A 145 23.98 -12.24 14.32
CA ARG A 145 24.73 -12.75 15.47
C ARG A 145 24.00 -12.37 16.75
N LYS A 146 23.52 -11.14 16.82
CA LYS A 146 22.88 -10.65 18.02
C LYS A 146 21.58 -11.46 18.28
N TRP A 147 20.77 -11.64 17.25
CA TRP A 147 19.48 -12.32 17.42
C TRP A 147 19.59 -13.80 17.61
N GLU A 148 20.64 -14.38 17.05
CA GLU A 148 20.94 -15.79 17.32
C GLU A 148 21.29 -15.97 18.80
N ALA A 149 22.14 -15.10 19.36
CA ALA A 149 22.53 -15.22 20.78
C ALA A 149 21.32 -15.09 21.69
N ALA A 150 20.45 -14.13 21.36
CA ALA A 150 19.26 -13.77 22.12
C ALA A 150 18.02 -14.69 21.87
N ARG A 151 18.13 -15.61 20.91
CA ARG A 151 16.99 -16.46 20.45
C ARG A 151 15.73 -15.65 20.11
N THR A 152 15.95 -14.53 19.44
CA THR A 152 14.90 -13.62 19.06
C THR A 152 13.85 -14.36 18.19
N ALA A 153 14.31 -15.23 17.29
CA ALA A 153 13.38 -15.97 16.40
C ALA A 153 12.31 -16.75 17.21
N GLU A 154 12.67 -17.26 18.39
CA GLU A 154 11.68 -18.00 19.22
C GLU A 154 10.49 -17.14 19.66
N GLN A 155 10.76 -15.91 20.05
CA GLN A 155 9.72 -14.92 20.38
C GLN A 155 8.83 -14.58 19.21
N LEU A 156 9.47 -14.36 18.09
CA LEU A 156 8.78 -14.03 16.86
C LEU A 156 7.97 -15.22 16.37
N ARG A 157 8.59 -16.41 16.33
CA ARG A 157 7.82 -17.58 15.90
C ARG A 157 6.58 -17.83 16.81
N ALA A 158 6.73 -17.66 18.12
CA ALA A 158 5.59 -17.91 19.04
C ALA A 158 4.41 -16.97 18.72
N TYR A 159 4.72 -15.72 18.41
CA TYR A 159 3.67 -14.75 18.11
C TYR A 159 3.02 -15.06 16.76
N LEU A 160 3.88 -15.26 15.75
CA LEU A 160 3.42 -15.46 14.37
C LEU A 160 2.60 -16.73 14.17
N GLU A 161 2.96 -17.79 14.89
CA GLU A 161 2.25 -19.06 14.79
C GLU A 161 1.06 -19.13 15.76
N GLY A 162 1.02 -18.23 16.74
CA GLY A 162 0.03 -18.30 17.82
C GLY A 162 -0.84 -17.05 17.86
N THR A 163 -0.40 -16.04 18.59
CA THR A 163 -1.23 -14.84 18.81
C THR A 163 -1.64 -14.06 17.53
N CYS A 164 -0.75 -14.02 16.54
CA CYS A 164 -1.08 -13.41 15.25
C CYS A 164 -2.33 -14.07 14.65
N VAL A 165 -2.34 -15.40 14.66
CA VAL A 165 -3.44 -16.19 14.11
C VAL A 165 -4.72 -15.98 14.94
N GLU A 166 -4.58 -15.90 16.27
CA GLU A 166 -5.77 -15.70 17.11
C GLU A 166 -6.46 -14.38 16.82
N TRP A 167 -5.64 -13.34 16.66
CA TRP A 167 -6.15 -12.03 16.26
C TRP A 167 -6.81 -12.09 14.92
N LEU A 168 -6.11 -12.64 13.93
CA LEU A 168 -6.68 -12.75 12.59
C LEU A 168 -8.06 -13.44 12.60
N ARG A 169 -8.17 -14.53 13.38
CA ARG A 169 -9.41 -15.27 13.47
C ARG A 169 -10.51 -14.42 14.06
N ARG A 170 -10.19 -13.70 15.12
CA ARG A 170 -11.16 -12.85 15.77
C ARG A 170 -11.65 -11.77 14.81
N TYR A 171 -10.72 -11.10 14.13
CA TYR A 171 -11.07 -10.05 13.16
C TYR A 171 -11.94 -10.59 12.03
N LEU A 172 -11.64 -11.80 11.56
CA LEU A 172 -12.45 -12.40 10.50
C LEU A 172 -13.89 -12.68 10.96
N GLU A 173 -14.07 -13.09 12.21
CA GLU A 173 -15.42 -13.24 12.73
C GLU A 173 -16.13 -11.88 12.71
N ASN A 174 -15.53 -10.91 13.40
CA ASN A 174 -16.15 -9.59 13.59
C ASN A 174 -16.45 -8.83 12.31
N GLY A 175 -15.66 -9.03 11.27
CA GLY A 175 -15.81 -8.29 10.02
C GLY A 175 -16.18 -9.10 8.79
N LYS A 176 -16.92 -10.19 9.00
CA LYS A 176 -17.22 -11.17 7.94
C LYS A 176 -17.85 -10.65 6.65
N LYS A 177 -18.79 -9.71 6.77
CA LYS A 177 -19.53 -9.19 5.60
C LYS A 177 -18.59 -8.42 4.67
N THR A 178 -17.74 -7.61 5.30
CA THR A 178 -16.64 -6.86 4.73
C THR A 178 -15.56 -7.79 4.16
N LEU A 179 -15.08 -8.71 5.01
CA LEU A 179 -13.81 -9.40 4.76
C LEU A 179 -13.87 -10.71 3.94
N GLN A 180 -14.97 -11.44 4.08
CA GLN A 180 -15.04 -12.75 3.47
C GLN A 180 -15.88 -12.77 2.19
N ARG A 181 -15.94 -11.63 1.53
CA ARG A 181 -16.69 -11.52 0.30
C ARG A 181 -15.82 -10.77 -0.71
N ALA A 182 -15.85 -11.23 -1.95
CA ALA A 182 -15.12 -10.53 -2.98
C ALA A 182 -16.15 -9.65 -3.67
N GLU A 183 -15.71 -8.58 -4.32
CA GLU A 183 -16.61 -7.74 -5.11
C GLU A 183 -16.05 -7.74 -6.52
N HIS A 184 -16.85 -8.17 -7.49
CA HIS A 184 -16.40 -8.26 -8.86
C HIS A 184 -16.08 -6.90 -9.43
N PRO A 185 -15.12 -6.79 -10.39
CA PRO A 185 -14.92 -5.51 -11.04
C PRO A 185 -16.12 -5.07 -11.89
N LYS A 186 -16.34 -3.76 -11.94
CA LYS A 186 -17.28 -3.17 -12.93
C LYS A 186 -16.45 -2.68 -14.11
N THR A 187 -16.76 -3.18 -15.30
CA THR A 187 -15.88 -2.95 -16.45
C THR A 187 -16.50 -2.09 -17.52
N HIS A 188 -15.64 -1.47 -18.34
CA HIS A 188 -16.09 -0.84 -19.57
C HIS A 188 -14.89 -0.65 -20.46
N VAL A 189 -15.13 -0.48 -21.75
CA VAL A 189 -14.03 -0.28 -22.71
C VAL A 189 -14.18 1.09 -23.36
N THR A 190 -13.11 1.86 -23.38
CA THR A 190 -13.10 3.14 -24.12
C THR A 190 -12.15 3.14 -25.33
N HIS A 191 -12.31 4.16 -26.18
CA HIS A 191 -11.61 4.23 -27.43
C HIS A 191 -11.20 5.64 -27.71
N HIS A 192 -9.95 5.85 -28.13
CA HIS A 192 -9.45 7.18 -28.52
C HIS A 192 -8.60 7.13 -29.75
N PRO A 193 -9.01 7.88 -30.81
CA PRO A 193 -8.14 8.02 -31.97
C PRO A 193 -6.84 8.70 -31.57
N VAL A 194 -5.77 8.21 -32.15
CA VAL A 194 -4.44 8.70 -31.85
C VAL A 194 -3.86 9.40 -33.08
N SER A 195 -4.08 8.85 -34.24
CA SER A 195 -3.54 9.41 -35.48
C SER A 195 -4.41 8.96 -36.61
N ASP A 196 -3.99 9.22 -37.84
CA ASP A 196 -4.73 8.72 -38.98
C ASP A 196 -4.64 7.18 -39.19
N HIS A 197 -3.98 6.46 -38.30
CA HIS A 197 -3.86 5.00 -38.47
C HIS A 197 -3.81 4.21 -37.18
N GLU A 198 -3.84 4.89 -36.03
CA GLU A 198 -3.80 4.19 -34.74
C GLU A 198 -4.87 4.73 -33.81
N ALA A 199 -5.29 3.89 -32.86
CA ALA A 199 -6.24 4.29 -31.84
C ALA A 199 -5.83 3.51 -30.61
N THR A 200 -6.30 3.97 -29.45
CA THR A 200 -6.06 3.32 -28.18
C THR A 200 -7.37 2.71 -27.72
N LEU A 201 -7.31 1.45 -27.27
CA LEU A 201 -8.42 0.82 -26.58
C LEU A 201 -8.04 0.70 -25.13
N ARG A 202 -8.91 1.12 -24.22
CA ARG A 202 -8.59 1.06 -22.79
C ARG A 202 -9.65 0.23 -22.08
N CYS A 203 -9.22 -0.77 -21.33
CA CYS A 203 -10.10 -1.69 -20.66
C CYS A 203 -10.08 -1.30 -19.17
N TRP A 204 -11.25 -0.99 -18.61
CA TRP A 204 -11.35 -0.48 -17.22
C TRP A 204 -11.93 -1.55 -16.27
N ALA A 205 -11.40 -1.61 -15.04
CA ALA A 205 -11.99 -2.43 -13.99
C ALA A 205 -12.08 -1.53 -12.78
N LEU A 206 -13.27 -1.31 -12.24
CA LEU A 206 -13.47 -0.44 -11.10
C LEU A 206 -14.18 -1.19 -9.98
N GLY A 207 -13.98 -0.74 -8.75
CA GLY A 207 -14.85 -1.21 -7.66
C GLY A 207 -14.59 -2.62 -7.17
N PHE A 208 -13.41 -3.19 -7.49
CA PHE A 208 -13.23 -4.62 -7.17
C PHE A 208 -12.48 -4.82 -5.85
N TYR A 209 -12.66 -5.99 -5.24
CA TYR A 209 -11.99 -6.36 -4.00
C TYR A 209 -11.96 -7.91 -3.97
N PRO A 210 -10.79 -8.51 -3.63
CA PRO A 210 -9.51 -7.90 -3.26
C PRO A 210 -8.76 -7.26 -4.45
N ALA A 211 -7.59 -6.72 -4.19
CA ALA A 211 -6.81 -5.97 -5.18
C ALA A 211 -6.30 -6.79 -6.36
N GLU A 212 -5.99 -8.06 -6.14
CA GLU A 212 -5.46 -8.94 -7.18
C GLU A 212 -6.42 -9.03 -8.36
N ILE A 213 -5.87 -8.78 -9.55
CA ILE A 213 -6.67 -8.84 -10.77
C ILE A 213 -5.72 -9.05 -11.95
N THR A 214 -6.23 -9.65 -13.02
CA THR A 214 -5.49 -9.62 -14.31
C THR A 214 -6.35 -9.05 -15.43
N LEU A 215 -5.84 -8.01 -16.09
CA LEU A 215 -6.41 -7.42 -17.30
C LEU A 215 -5.44 -7.71 -18.44
N THR A 216 -5.94 -8.33 -19.51
CA THR A 216 -5.08 -8.63 -20.68
C THR A 216 -5.83 -8.31 -21.98
N TRP A 217 -5.20 -7.56 -22.87
CA TRP A 217 -5.75 -7.42 -24.23
C TRP A 217 -5.33 -8.56 -25.10
N GLN A 218 -6.26 -9.10 -25.89
CA GLN A 218 -5.96 -10.13 -26.86
C GLN A 218 -6.31 -9.65 -28.26
N ARG A 219 -5.58 -10.12 -29.24
CA ARG A 219 -5.96 -9.93 -30.63
C ARG A 219 -6.17 -11.30 -31.20
N ASP A 220 -7.33 -11.51 -31.81
CA ASP A 220 -7.70 -12.82 -32.36
C ASP A 220 -7.59 -13.95 -31.32
N GLY A 221 -7.83 -13.65 -30.05
CA GLY A 221 -7.67 -14.67 -29.02
C GLY A 221 -6.29 -14.82 -28.41
N GLU A 222 -5.30 -14.10 -28.92
CA GLU A 222 -3.91 -14.26 -28.47
C GLU A 222 -3.42 -13.05 -27.66
N ASP A 223 -2.69 -13.32 -26.59
CA ASP A 223 -2.18 -12.26 -25.73
C ASP A 223 -1.28 -11.24 -26.40
N GLN A 224 -1.51 -9.97 -26.09
CA GLN A 224 -0.66 -8.86 -26.52
C GLN A 224 -0.03 -8.23 -25.28
N THR A 225 0.33 -9.06 -24.30
CA THR A 225 0.84 -8.60 -22.99
C THR A 225 2.02 -7.65 -23.17
N GLN A 226 2.88 -7.96 -24.13
CA GLN A 226 4.06 -7.15 -24.39
C GLN A 226 3.77 -5.72 -24.93
N ASP A 227 2.56 -5.46 -25.42
CA ASP A 227 2.26 -4.16 -26.09
C ASP A 227 1.18 -3.30 -25.37
N THR A 228 0.92 -3.63 -24.13
CA THR A 228 -0.16 -2.99 -23.38
C THR A 228 0.44 -1.94 -22.40
N GLU A 229 -0.23 -0.81 -22.17
CA GLU A 229 0.13 0.02 -21.02
C GLU A 229 -0.78 -0.42 -19.87
N LEU A 230 -0.19 -0.94 -18.79
CA LEU A 230 -0.98 -1.37 -17.64
C LEU A 230 -0.66 -0.38 -16.50
N VAL A 231 -1.67 0.22 -15.86
CA VAL A 231 -1.38 1.08 -14.74
C VAL A 231 -1.32 0.23 -13.48
N GLU A 232 -0.59 0.71 -12.49
CA GLU A 232 -0.59 0.07 -11.20
C GLU A 232 -1.99 0.06 -10.61
N THR A 233 -2.37 -1.04 -9.97
CA THR A 233 -3.68 -1.16 -9.28
C THR A 233 -3.70 -0.10 -8.20
N ARG A 234 -4.82 0.60 -8.10
CA ARG A 234 -4.89 1.82 -7.29
C ARG A 234 -6.14 1.83 -6.41
N PRO A 235 -6.03 2.38 -5.19
CA PRO A 235 -7.16 2.40 -4.27
C PRO A 235 -8.23 3.43 -4.69
N ALA A 236 -9.51 3.07 -4.59
CA ALA A 236 -10.60 3.99 -5.00
C ALA A 236 -10.93 4.95 -3.86
N GLY A 237 -10.51 4.59 -2.64
CA GLY A 237 -10.72 5.41 -1.45
C GLY A 237 -11.87 4.91 -0.61
N ASP A 238 -12.64 3.96 -1.14
CA ASP A 238 -13.78 3.35 -0.43
C ASP A 238 -13.54 1.90 -0.05
N GLY A 239 -12.28 1.48 -0.10
CA GLY A 239 -11.91 0.10 0.25
C GLY A 239 -11.85 -0.79 -0.97
N THR A 240 -12.22 -0.26 -2.15
CA THR A 240 -12.14 -1.05 -3.36
C THR A 240 -10.95 -0.54 -4.20
N PHE A 241 -10.71 -1.20 -5.33
CA PHE A 241 -9.58 -0.90 -6.23
C PHE A 241 -9.97 -0.71 -7.66
N GLN A 242 -9.03 -0.16 -8.44
CA GLN A 242 -9.26 0.14 -9.86
C GLN A 242 -8.00 -0.21 -10.62
N LYS A 243 -8.15 -0.49 -11.90
CA LYS A 243 -7.01 -0.72 -12.78
C LYS A 243 -7.49 -0.54 -14.20
N TRP A 244 -6.56 -0.19 -15.05
CA TRP A 244 -6.84 -0.18 -16.47
C TRP A 244 -5.69 -0.68 -17.33
N ALA A 245 -6.02 -1.08 -18.54
CA ALA A 245 -5.01 -1.65 -19.47
C ALA A 245 -5.36 -1.09 -20.82
N ALA A 246 -4.35 -0.60 -21.53
CA ALA A 246 -4.58 0.07 -22.80
C ALA A 246 -3.66 -0.48 -23.83
N VAL A 247 -4.14 -0.57 -25.05
CA VAL A 247 -3.36 -1.11 -26.13
C VAL A 247 -3.58 -0.16 -27.31
N VAL A 248 -2.52 0.06 -28.10
CA VAL A 248 -2.60 0.93 -29.25
C VAL A 248 -2.75 -0.05 -30.41
N VAL A 249 -3.72 0.19 -31.29
CA VAL A 249 -4.12 -0.78 -32.30
C VAL A 249 -4.16 -0.09 -33.67
N PRO A 250 -4.04 -0.86 -34.76
CA PRO A 250 -4.25 -0.28 -36.06
C PRO A 250 -5.73 0.10 -36.22
N SER A 251 -5.95 1.32 -36.68
CA SER A 251 -7.29 1.81 -36.80
C SER A 251 -8.02 0.90 -37.77
N GLY A 252 -9.18 0.43 -37.37
CA GLY A 252 -9.90 -0.51 -38.25
C GLY A 252 -9.81 -1.95 -37.78
N GLU A 253 -8.93 -2.22 -36.82
CA GLU A 253 -8.74 -3.60 -36.35
C GLU A 253 -9.40 -3.81 -34.99
N GLU A 254 -10.15 -2.80 -34.52
CA GLU A 254 -10.66 -2.82 -33.14
C GLU A 254 -11.51 -4.08 -32.89
N GLN A 255 -12.25 -4.53 -33.92
CA GLN A 255 -13.18 -5.66 -33.75
C GLN A 255 -12.44 -6.97 -33.43
N ARG A 256 -11.15 -6.99 -33.70
CA ARG A 256 -10.38 -8.18 -33.39
C ARG A 256 -9.78 -8.21 -31.99
N TYR A 257 -10.01 -7.16 -31.21
CA TYR A 257 -9.41 -7.07 -29.89
C TYR A 257 -10.44 -7.37 -28.83
N THR A 258 -10.02 -8.12 -27.84
CA THR A 258 -10.86 -8.38 -26.67
C THR A 258 -10.04 -8.23 -25.41
N CYS A 259 -10.68 -7.71 -24.36
CA CYS A 259 -10.02 -7.55 -23.08
C CYS A 259 -10.48 -8.67 -22.18
N HIS A 260 -9.55 -9.35 -21.52
CA HIS A 260 -9.83 -10.52 -20.67
C HIS A 260 -9.58 -10.13 -19.23
N VAL A 261 -10.57 -10.33 -18.41
CA VAL A 261 -10.56 -9.89 -17.01
C VAL A 261 -10.67 -11.13 -16.11
N GLN A 262 -9.71 -11.31 -15.22
CA GLN A 262 -9.72 -12.43 -14.27
C GLN A 262 -9.76 -11.83 -12.88
N HIS A 263 -10.71 -12.26 -12.06
CA HIS A 263 -10.83 -11.75 -10.69
C HIS A 263 -11.65 -12.72 -9.88
N GLU A 264 -11.28 -12.86 -8.61
CA GLU A 264 -11.88 -13.80 -7.65
C GLU A 264 -13.40 -13.66 -7.55
N GLY A 265 -13.87 -12.45 -7.75
CA GLY A 265 -15.25 -12.15 -7.62
C GLY A 265 -16.00 -12.46 -8.90
N LEU A 266 -15.29 -12.95 -9.93
CA LEU A 266 -15.97 -13.38 -11.15
C LEU A 266 -16.09 -14.91 -11.18
N PRO A 267 -17.29 -15.41 -11.46
CA PRO A 267 -17.41 -16.86 -11.52
C PRO A 267 -16.60 -17.46 -12.69
N GLU A 268 -16.46 -16.69 -13.77
CA GLU A 268 -15.73 -17.05 -14.98
C GLU A 268 -15.00 -15.79 -15.41
N PRO A 269 -13.84 -15.93 -16.13
CA PRO A 269 -13.24 -14.69 -16.61
C PRO A 269 -14.14 -14.04 -17.67
N LEU A 270 -14.08 -12.72 -17.74
CA LEU A 270 -14.82 -11.92 -18.69
C LEU A 270 -14.02 -11.71 -19.96
N THR A 271 -14.72 -11.71 -21.10
CA THR A 271 -14.19 -11.23 -22.36
C THR A 271 -15.04 -10.04 -22.77
N LEU A 272 -14.36 -8.92 -23.01
CA LEU A 272 -15.01 -7.66 -23.33
C LEU A 272 -14.54 -7.20 -24.69
N ARG A 273 -15.39 -6.37 -25.30
CA ARG A 273 -15.20 -5.84 -26.67
C ARG A 273 -15.45 -4.33 -26.59
N TRP A 274 -14.89 -3.56 -27.51
CA TRP A 274 -15.29 -2.17 -27.65
C TRP A 274 -16.63 -2.13 -28.35
N MET B 1 21.63 3.83 0.48
CA MET B 1 20.61 4.93 0.38
C MET B 1 19.80 4.89 -0.93
N ILE B 2 18.51 4.54 -0.83
CA ILE B 2 17.63 4.53 -1.99
C ILE B 2 17.00 5.93 -2.20
N GLN B 3 16.96 6.40 -3.43
CA GLN B 3 16.04 7.48 -3.83
C GLN B 3 15.19 7.10 -5.05
N ARG B 4 13.89 7.00 -4.86
CA ARG B 4 12.93 6.64 -5.92
C ARG B 4 11.85 7.71 -6.09
N THR B 5 11.54 8.06 -7.32
CA THR B 5 10.61 9.14 -7.55
C THR B 5 9.13 8.63 -7.55
N PRO B 6 8.17 9.46 -7.08
CA PRO B 6 6.78 9.03 -7.02
C PRO B 6 6.18 8.81 -8.40
N LYS B 7 5.50 7.68 -8.58
CA LYS B 7 4.54 7.51 -9.65
C LYS B 7 3.31 8.20 -9.16
N ILE B 8 2.61 8.92 -10.05
CA ILE B 8 1.42 9.71 -9.62
C ILE B 8 0.23 9.38 -10.53
N GLN B 9 -0.92 9.06 -9.93
CA GLN B 9 -2.16 8.91 -10.67
C GLN B 9 -3.21 9.78 -10.05
N VAL B 10 -3.92 10.50 -10.91
CA VAL B 10 -4.98 11.38 -10.50
C VAL B 10 -6.26 10.91 -11.16
N TYR B 11 -7.29 10.69 -10.36
CA TYR B 11 -8.49 10.02 -10.88
C TYR B 11 -9.64 10.19 -9.93
N SER B 12 -10.83 9.90 -10.42
CA SER B 12 -12.00 9.98 -9.58
C SER B 12 -12.39 8.60 -9.06
N ARG B 13 -13.04 8.57 -7.90
CA ARG B 13 -13.52 7.33 -7.36
C ARG B 13 -14.52 6.57 -8.25
N HIS B 14 -15.45 7.32 -8.87
CA HIS B 14 -16.46 6.79 -9.80
C HIS B 14 -16.26 7.53 -11.08
N PRO B 15 -16.72 6.97 -12.21
CA PRO B 15 -16.58 7.72 -13.46
C PRO B 15 -17.22 9.11 -13.31
N ALA B 16 -16.52 10.15 -13.74
CA ALA B 16 -17.00 11.51 -13.54
C ALA B 16 -18.20 11.80 -14.42
N GLU B 17 -19.20 12.40 -13.80
CA GLU B 17 -20.35 12.93 -14.51
C GLU B 17 -20.61 14.34 -14.00
N ASN B 18 -20.81 15.26 -14.91
CA ASN B 18 -20.99 16.66 -14.50
C ASN B 18 -22.15 16.86 -13.52
N GLY B 19 -21.87 17.58 -12.44
CA GLY B 19 -22.90 17.88 -11.48
C GLY B 19 -23.16 16.77 -10.52
N LYS B 20 -22.42 15.67 -10.59
CA LYS B 20 -22.65 14.57 -9.66
C LYS B 20 -21.50 14.42 -8.66
N SER B 21 -21.86 14.49 -7.37
CA SER B 21 -20.88 14.38 -6.29
C SER B 21 -19.98 13.15 -6.39
N ASN B 22 -18.69 13.29 -6.06
CA ASN B 22 -17.69 12.26 -6.36
C ASN B 22 -16.49 12.50 -5.40
N PHE B 23 -15.36 11.83 -5.65
CA PHE B 23 -14.18 11.92 -4.78
C PHE B 23 -13.02 12.00 -5.77
N LEU B 24 -12.15 13.00 -5.59
CA LEU B 24 -10.98 13.12 -6.42
C LEU B 24 -9.76 12.58 -5.68
N ASN B 25 -9.02 11.69 -6.34
CA ASN B 25 -7.91 10.95 -5.76
C ASN B 25 -6.59 11.33 -6.43
N CYS B 26 -5.55 11.45 -5.60
CA CYS B 26 -4.17 11.44 -6.12
C CYS B 26 -3.40 10.36 -5.36
N TYR B 27 -2.99 9.31 -6.08
CA TYR B 27 -2.31 8.17 -5.53
C TYR B 27 -0.82 8.31 -5.90
N VAL B 28 0.05 8.38 -4.90
CA VAL B 28 1.47 8.51 -5.14
C VAL B 28 2.11 7.23 -4.63
N SER B 29 2.94 6.61 -5.44
CA SER B 29 3.46 5.30 -5.05
C SER B 29 4.89 5.13 -5.56
N GLY B 30 5.54 4.04 -5.16
CA GLY B 30 6.90 3.75 -5.68
C GLY B 30 7.99 4.73 -5.24
N PHE B 31 7.77 5.50 -4.16
CA PHE B 31 8.76 6.50 -3.77
C PHE B 31 9.59 6.13 -2.55
N HIS B 32 10.76 6.76 -2.43
CA HIS B 32 11.65 6.63 -1.28
C HIS B 32 12.62 7.77 -1.35
N PRO B 33 12.92 8.42 -0.22
CA PRO B 33 12.47 8.23 1.17
C PRO B 33 11.03 8.77 1.36
N SER B 34 10.54 8.74 2.59
CA SER B 34 9.10 8.82 2.84
C SER B 34 8.53 10.26 2.84
N ASP B 35 9.36 11.27 3.03
CA ASP B 35 8.81 12.63 3.08
C ASP B 35 8.31 13.04 1.72
N ILE B 36 7.08 13.58 1.65
CA ILE B 36 6.47 13.92 0.37
C ILE B 36 5.37 14.98 0.66
N GLU B 37 5.12 15.88 -0.28
CA GLU B 37 4.00 16.81 -0.09
C GLU B 37 3.12 16.66 -1.31
N VAL B 38 1.82 16.57 -1.10
CA VAL B 38 0.89 16.33 -2.19
C VAL B 38 -0.25 17.35 -2.05
N ASP B 39 -0.53 18.09 -3.11
CA ASP B 39 -1.69 18.98 -3.12
C ASP B 39 -2.61 18.65 -4.26
N LEU B 40 -3.91 18.84 -4.02
CA LEU B 40 -4.92 18.70 -5.05
C LEU B 40 -5.24 20.14 -5.42
N LEU B 41 -5.37 20.40 -6.73
CA LEU B 41 -5.59 21.75 -7.25
C LEU B 41 -6.93 21.83 -8.01
N LYS B 42 -7.59 22.97 -7.88
CA LYS B 42 -8.84 23.22 -8.60
C LYS B 42 -8.63 24.52 -9.31
N ASN B 43 -8.69 24.51 -10.63
CA ASN B 43 -8.40 25.70 -11.42
C ASN B 43 -7.06 26.35 -11.06
N GLY B 44 -6.06 25.50 -10.80
CA GLY B 44 -4.73 25.98 -10.45
C GLY B 44 -4.48 26.31 -8.98
N GLU B 45 -5.53 26.42 -8.17
CA GLU B 45 -5.39 26.79 -6.75
C GLU B 45 -5.59 25.58 -5.85
N ARG B 46 -4.94 25.61 -4.69
CA ARG B 46 -4.92 24.49 -3.78
C ARG B 46 -6.28 24.25 -3.16
N ILE B 47 -6.68 22.99 -3.14
CA ILE B 47 -7.94 22.58 -2.50
C ILE B 47 -7.63 22.42 -1.02
N GLU B 48 -8.47 23.03 -0.18
CA GLU B 48 -8.18 23.09 1.26
C GLU B 48 -8.35 21.80 2.08
N LYS B 49 -9.50 21.14 1.98
CA LYS B 49 -9.80 20.00 2.83
C LYS B 49 -9.42 18.71 2.09
N VAL B 50 -8.16 18.32 2.24
CA VAL B 50 -7.66 17.14 1.55
C VAL B 50 -7.16 16.18 2.60
N GLU B 51 -7.64 14.95 2.55
CA GLU B 51 -7.23 13.98 3.54
C GLU B 51 -6.29 12.96 2.90
N HIS B 52 -5.60 12.21 3.73
CA HIS B 52 -4.77 11.16 3.18
C HIS B 52 -4.69 9.95 4.04
N SER B 53 -4.38 8.84 3.38
CA SER B 53 -4.14 7.57 4.05
C SER B 53 -2.87 7.67 4.92
N ASP B 54 -2.67 6.82 5.93
CA ASP B 54 -1.38 6.76 6.62
C ASP B 54 -0.35 5.99 5.76
N LEU B 55 0.91 6.39 5.90
CA LEU B 55 2.00 5.84 5.14
C LEU B 55 2.11 4.30 5.20
N SER B 56 2.16 3.67 4.02
CA SER B 56 2.37 2.24 3.95
C SER B 56 3.37 1.98 2.84
N PHE B 57 3.64 0.70 2.55
CA PHE B 57 4.64 0.42 1.52
C PHE B 57 4.41 -0.93 0.87
N SER B 58 5.03 -1.12 -0.30
CA SER B 58 4.77 -2.27 -1.17
C SER B 58 5.86 -3.30 -0.92
N LYS B 59 5.78 -4.41 -1.61
CA LYS B 59 6.76 -5.45 -1.53
C LYS B 59 8.19 -5.02 -1.76
N ASP B 60 8.41 -4.05 -2.59
CA ASP B 60 9.80 -3.61 -2.85
C ASP B 60 10.28 -2.54 -1.88
N TRP B 61 9.46 -2.33 -0.83
CA TRP B 61 9.72 -1.36 0.23
C TRP B 61 9.38 0.08 -0.12
N SER B 62 8.95 0.33 -1.36
CA SER B 62 8.63 1.70 -1.75
C SER B 62 7.28 2.11 -1.16
N PHE B 63 7.15 3.39 -0.88
CA PHE B 63 6.00 3.90 -0.12
C PHE B 63 4.84 4.25 -1.02
N TYR B 64 3.62 4.20 -0.48
CA TYR B 64 2.51 4.78 -1.23
C TYR B 64 1.53 5.47 -0.28
N LEU B 65 0.85 6.50 -0.80
CA LEU B 65 -0.19 7.29 -0.09
C LEU B 65 -1.35 7.64 -1.03
N LEU B 66 -2.57 7.66 -0.50
CA LEU B 66 -3.73 8.16 -1.24
C LEU B 66 -4.16 9.53 -0.65
N TYR B 67 -4.16 10.57 -1.47
CA TYR B 67 -4.71 11.87 -1.05
C TYR B 67 -6.07 11.98 -1.70
N TYR B 68 -7.06 12.53 -1.00
CA TYR B 68 -8.38 12.56 -1.60
C TYR B 68 -9.21 13.68 -1.00
N THR B 69 -10.17 14.14 -1.82
CA THR B 69 -11.13 15.16 -1.43
C THR B 69 -12.47 14.92 -2.14
N GLU B 70 -13.58 15.26 -1.50
CA GLU B 70 -14.87 15.16 -2.16
C GLU B 70 -14.95 16.28 -3.13
N PHE B 71 -15.59 16.06 -4.26
CA PHE B 71 -15.80 17.08 -5.26
C PHE B 71 -16.96 16.78 -6.19
N THR B 72 -17.42 17.79 -6.88
CA THR B 72 -18.46 17.63 -7.86
C THR B 72 -17.95 18.15 -9.19
N PRO B 73 -17.53 17.24 -10.08
CA PRO B 73 -17.01 17.74 -11.35
C PRO B 73 -18.00 18.53 -12.17
N THR B 74 -17.49 19.47 -12.95
CA THR B 74 -18.29 20.22 -13.89
C THR B 74 -17.55 20.20 -15.24
N GLU B 75 -18.19 20.73 -16.28
CA GLU B 75 -17.58 20.69 -17.61
C GLU B 75 -16.25 21.45 -17.65
N LYS B 76 -16.21 22.62 -16.99
CA LYS B 76 -15.08 23.58 -17.12
C LYS B 76 -14.03 23.53 -16.03
N ASP B 77 -14.38 23.05 -14.84
CA ASP B 77 -13.39 23.07 -13.73
C ASP B 77 -12.26 22.09 -14.06
N GLU B 78 -11.03 22.53 -13.87
CA GLU B 78 -9.84 21.68 -14.12
C GLU B 78 -9.20 21.30 -12.79
N TYR B 79 -8.82 20.04 -12.64
CA TYR B 79 -8.20 19.56 -11.43
C TYR B 79 -6.84 18.96 -11.74
N ALA B 80 -5.97 18.92 -10.74
CA ALA B 80 -4.59 18.46 -10.91
C ALA B 80 -4.08 17.99 -9.56
N CYS B 81 -2.96 17.27 -9.58
CA CYS B 81 -2.29 16.91 -8.34
C CYS B 81 -0.87 17.41 -8.44
N ARG B 82 -0.41 18.04 -7.37
CA ARG B 82 0.94 18.61 -7.34
C ARG B 82 1.72 17.90 -6.26
N VAL B 83 2.89 17.38 -6.64
CA VAL B 83 3.67 16.65 -5.66
C VAL B 83 5.11 17.16 -5.61
N ASN B 84 5.66 17.18 -4.41
CA ASN B 84 7.04 17.51 -4.24
C ASN B 84 7.70 16.42 -3.39
N HIS B 85 8.98 16.14 -3.68
CA HIS B 85 9.70 14.99 -3.15
C HIS B 85 11.16 15.32 -3.38
N VAL B 86 12.06 14.77 -2.58
CA VAL B 86 13.51 15.08 -2.78
C VAL B 86 14.00 14.81 -4.20
N THR B 87 13.37 13.87 -4.87
CA THR B 87 13.76 13.50 -6.24
C THR B 87 13.32 14.50 -7.32
N LEU B 88 12.53 15.49 -6.95
CA LEU B 88 11.97 16.43 -7.90
C LEU B 88 12.58 17.82 -7.70
N SER B 89 13.13 18.39 -8.78
CA SER B 89 13.76 19.71 -8.74
C SER B 89 12.70 20.76 -8.51
N GLN B 90 11.54 20.51 -9.12
CA GLN B 90 10.39 21.39 -8.99
C GLN B 90 9.20 20.50 -8.68
N PRO B 91 8.20 21.05 -7.96
CA PRO B 91 6.97 20.27 -7.79
C PRO B 91 6.41 19.85 -9.14
N LYS B 92 5.90 18.63 -9.20
CA LYS B 92 5.40 18.04 -10.44
C LYS B 92 3.89 18.11 -10.44
N ILE B 93 3.30 18.58 -11.54
CA ILE B 93 1.86 18.69 -11.61
C ILE B 93 1.33 17.71 -12.66
N VAL B 94 0.41 16.85 -12.24
CA VAL B 94 -0.31 15.93 -13.13
C VAL B 94 -1.80 16.37 -13.21
N LYS B 95 -2.25 16.65 -14.42
CA LYS B 95 -3.62 17.08 -14.62
C LYS B 95 -4.57 15.91 -14.60
N TRP B 96 -5.75 16.10 -14.04
CA TRP B 96 -6.78 15.09 -14.10
C TRP B 96 -7.36 14.95 -15.48
N ASP B 97 -7.38 13.73 -15.99
CA ASP B 97 -8.00 13.38 -17.29
C ASP B 97 -9.12 12.38 -16.96
N ARG B 98 -10.37 12.69 -17.31
CA ARG B 98 -11.50 11.82 -16.91
C ARG B 98 -11.42 10.38 -17.38
N ASP B 99 -10.69 10.12 -18.46
CA ASP B 99 -10.52 8.74 -18.91
C ASP B 99 -9.11 8.16 -18.62
N GLY C 1 -3.79 -7.29 16.35
CA GLY C 1 -3.05 -6.90 17.64
C GLY C 1 -1.55 -7.03 17.47
N ILE C 2 -0.77 -5.98 17.77
CA ILE C 2 0.65 -6.02 17.42
C ILE C 2 1.51 -6.86 18.39
N LEU C 3 2.68 -7.29 17.92
CA LEU C 3 3.66 -7.97 18.77
C LEU C 3 4.00 -7.04 19.98
N GLY C 4 3.92 -7.61 21.20
CA GLY C 4 4.27 -6.86 22.41
C GLY C 4 5.70 -7.05 22.89
N PHE C 5 6.37 -8.07 22.39
CA PHE C 5 7.80 -8.31 22.63
C PHE C 5 8.62 -7.41 21.73
N VAL C 6 9.46 -6.59 22.34
CA VAL C 6 10.31 -5.70 21.52
C VAL C 6 11.79 -6.05 21.67
N PHE C 7 12.59 -5.51 20.76
CA PHE C 7 13.99 -5.92 20.58
C PHE C 7 14.59 -4.99 19.56
N THR C 8 15.90 -4.81 19.58
CA THR C 8 16.49 -3.81 18.68
C THR C 8 17.31 -4.60 17.68
N LEU C 9 17.50 -4.03 16.50
CA LEU C 9 18.47 -4.58 15.52
C LEU C 9 19.93 -4.35 15.99
#